data_2P62
#
_entry.id   2P62
#
_cell.length_a   122.071
_cell.length_b   122.071
_cell.length_c   109.067
_cell.angle_alpha   90.000
_cell.angle_beta   90.000
_cell.angle_gamma   120.000
#
_symmetry.space_group_name_H-M   'P 61'
#
loop_
_entity.id
_entity.type
_entity.pdbx_description
1 polymer 'Hypothetical protein PH0156'
2 water water
#
_entity_poly.entity_id   1
_entity_poly.type   'polypeptide(L)'
_entity_poly.pdbx_seq_one_letter_code
;MRIKLIIVEGKTDESFFKVLLEKLYGFREAKKLTPEFPIGKWGFRIGEHPLVLEKDNIALVIIHAEGKQRIPKVLKSVLD
SVKLGLLNVEEVYVVRDVDEGNDVFEWVLSFLREREVRVDNGAIVTEGVKIYPYGMGNLTLNEPFVKEKKELELSLAYLA
KLDGILEKYRGSMRALSQDKGDKLTPKDVMHILSIANDYTGDCLSGLYEKYIGIMIHRNRELLIRFLSEVNLLPLLERMV
G
;
_entity_poly.pdbx_strand_id   A,B
#
# COMPACT_ATOMS: atom_id res chain seq x y z
N MET A 1 -16.57 26.69 10.18
CA MET A 1 -15.57 26.36 9.13
C MET A 1 -16.28 26.04 7.80
N ARG A 2 -15.67 26.43 6.67
CA ARG A 2 -16.25 26.11 5.36
C ARG A 2 -15.78 24.69 5.05
N ILE A 3 -16.70 23.86 4.59
CA ILE A 3 -16.37 22.48 4.29
C ILE A 3 -16.56 22.16 2.82
N LYS A 4 -15.55 21.51 2.25
CA LYS A 4 -15.58 21.08 0.86
C LYS A 4 -15.26 19.59 0.85
N LEU A 5 -16.04 18.82 0.10
CA LEU A 5 -15.85 17.37 0.00
C LEU A 5 -15.15 16.98 -1.30
N ILE A 6 -14.09 16.18 -1.17
CA ILE A 6 -13.33 15.70 -2.30
C ILE A 6 -13.42 14.18 -2.35
N ILE A 7 -14.00 13.66 -3.43
CA ILE A 7 -14.17 12.22 -3.61
C ILE A 7 -13.28 11.68 -4.71
N VAL A 8 -12.40 10.77 -4.34
CA VAL A 8 -11.48 10.14 -5.29
C VAL A 8 -11.72 8.64 -5.26
N GLU A 9 -11.07 7.91 -6.17
CA GLU A 9 -11.26 6.47 -6.23
C GLU A 9 -10.45 5.64 -5.24
N GLY A 10 -9.15 5.92 -5.13
CA GLY A 10 -8.31 5.15 -4.22
C GLY A 10 -7.23 5.91 -3.49
N LYS A 11 -6.40 5.18 -2.75
CA LYS A 11 -5.30 5.76 -1.97
C LYS A 11 -4.35 6.56 -2.87
N THR A 12 -4.02 6.03 -4.04
CA THR A 12 -3.12 6.72 -4.95
C THR A 12 -3.62 8.14 -5.25
N ASP A 13 -4.93 8.26 -5.55
CA ASP A 13 -5.52 9.55 -5.86
C ASP A 13 -5.55 10.44 -4.61
N GLU A 14 -5.73 9.83 -3.43
CA GLU A 14 -5.76 10.62 -2.21
C GLU A 14 -4.37 11.20 -1.89
N SER A 15 -3.31 10.42 -2.11
CA SER A 15 -1.96 10.89 -1.83
C SER A 15 -1.57 12.02 -2.76
N PHE A 16 -1.87 11.85 -4.05
CA PHE A 16 -1.56 12.85 -5.05
C PHE A 16 -2.15 14.20 -4.64
N PHE A 17 -3.44 14.23 -4.32
CA PHE A 17 -4.05 15.50 -3.93
C PHE A 17 -3.56 16.01 -2.58
N LYS A 18 -3.33 15.09 -1.64
CA LYS A 18 -2.86 15.45 -0.30
C LYS A 18 -1.48 16.11 -0.33
N VAL A 19 -0.55 15.57 -1.11
CA VAL A 19 0.78 16.20 -1.13
C VAL A 19 0.72 17.60 -1.76
N LEU A 20 -0.10 17.78 -2.79
CA LEU A 20 -0.20 19.10 -3.39
C LEU A 20 -0.89 20.07 -2.44
N LEU A 21 -2.00 19.66 -1.85
CA LEU A 21 -2.76 20.50 -0.94
C LEU A 21 -2.00 20.89 0.33
N GLU A 22 -1.12 20.00 0.79
CA GLU A 22 -0.32 20.26 1.99
C GLU A 22 0.97 21.02 1.65
N LYS A 23 1.83 20.36 0.87
CA LYS A 23 3.12 20.91 0.51
C LYS A 23 3.13 22.08 -0.46
N LEU A 24 2.04 22.27 -1.19
CA LEU A 24 1.98 23.37 -2.14
C LEU A 24 1.03 24.49 -1.70
N TYR A 25 -0.08 24.15 -1.05
CA TYR A 25 -1.03 25.19 -0.62
C TYR A 25 -1.11 25.45 0.87
N GLY A 26 -0.21 24.87 1.66
CA GLY A 26 -0.22 25.12 3.10
C GLY A 26 -1.29 24.45 3.93
N PHE A 27 -2.04 23.53 3.35
CA PHE A 27 -3.06 22.86 4.14
C PHE A 27 -2.42 21.88 5.12
N ARG A 28 -3.04 21.74 6.29
CA ARG A 28 -2.54 20.83 7.33
C ARG A 28 -3.61 19.80 7.72
N GLU A 29 -3.17 18.60 8.08
CA GLU A 29 -4.11 17.55 8.48
C GLU A 29 -4.73 17.83 9.85
N ALA A 30 -6.04 17.61 9.95
CA ALA A 30 -6.77 17.84 11.20
C ALA A 30 -6.05 17.26 12.41
N LYS A 31 -6.18 17.96 13.54
CA LYS A 31 -5.52 17.54 14.79
C LYS A 31 -5.86 16.11 15.18
N LYS A 32 -5.41 15.71 16.38
CA LYS A 32 -5.68 14.38 16.90
C LYS A 32 -7.20 14.22 16.83
N LEU A 33 -7.89 15.36 16.91
CA LEU A 33 -9.34 15.42 16.86
C LEU A 33 -9.87 14.54 15.73
N THR A 34 -10.57 13.48 16.10
CA THR A 34 -11.15 12.56 15.13
C THR A 34 -12.67 12.60 15.29
N PRO A 35 -13.31 13.67 14.78
CA PRO A 35 -14.77 13.84 14.85
C PRO A 35 -15.52 12.78 14.05
N GLU A 36 -16.02 11.76 14.75
CA GLU A 36 -16.76 10.67 14.10
C GLU A 36 -17.84 11.23 13.18
N PHE A 37 -17.60 11.15 11.87
CA PHE A 37 -18.55 11.65 10.89
C PHE A 37 -19.86 10.86 10.95
N PRO A 38 -20.94 11.51 11.45
CA PRO A 38 -22.24 10.84 11.56
C PRO A 38 -22.79 10.38 10.22
N ILE A 39 -22.75 9.06 9.99
CA ILE A 39 -23.23 8.48 8.75
C ILE A 39 -24.58 9.07 8.34
N GLY A 40 -25.44 9.31 9.32
CA GLY A 40 -26.76 9.86 9.03
C GLY A 40 -26.69 11.16 8.24
N LYS A 41 -25.57 11.86 8.34
CA LYS A 41 -25.41 13.13 7.63
C LYS A 41 -24.50 13.07 6.42
N TRP A 42 -23.43 12.29 6.51
CA TRP A 42 -22.49 12.16 5.40
C TRP A 42 -22.74 10.97 4.49
N GLY A 43 -23.34 9.91 5.04
CA GLY A 43 -23.62 8.74 4.22
C GLY A 43 -22.41 7.87 3.97
N PHE A 44 -21.38 8.05 4.80
CA PHE A 44 -20.16 7.26 4.66
C PHE A 44 -20.38 5.85 5.22
N ARG A 45 -19.49 4.93 4.89
CA ARG A 45 -19.60 3.56 5.39
C ARG A 45 -19.17 3.49 6.85
N ILE A 46 -19.58 2.40 7.50
CA ILE A 46 -19.30 2.16 8.93
C ILE A 46 -18.02 2.72 9.54
N GLY A 47 -16.92 2.01 9.39
CA GLY A 47 -15.66 2.46 9.97
C GLY A 47 -14.73 3.18 9.03
N GLU A 48 -15.19 4.29 8.47
CA GLU A 48 -14.37 5.06 7.55
C GLU A 48 -13.80 6.32 8.20
N HIS A 49 -12.50 6.52 8.03
CA HIS A 49 -11.84 7.70 8.59
C HIS A 49 -11.30 8.56 7.43
N PRO A 50 -12.12 9.53 6.98
CA PRO A 50 -11.69 10.40 5.88
C PRO A 50 -10.55 11.32 6.26
N LEU A 51 -9.77 11.70 5.26
CA LEU A 51 -8.65 12.60 5.49
C LEU A 51 -9.19 14.03 5.56
N VAL A 52 -8.84 14.74 6.63
CA VAL A 52 -9.28 16.12 6.82
C VAL A 52 -8.10 17.08 6.79
N LEU A 53 -8.07 17.93 5.77
CA LEU A 53 -7.01 18.91 5.63
C LEU A 53 -7.62 20.28 5.88
N GLU A 54 -6.92 21.12 6.64
CA GLU A 54 -7.43 22.45 6.97
C GLU A 54 -6.42 23.58 6.81
N LYS A 55 -6.94 24.78 6.55
CA LYS A 55 -6.16 25.99 6.38
C LYS A 55 -7.11 27.19 6.44
N ASP A 56 -6.76 28.16 7.28
CA ASP A 56 -7.59 29.35 7.46
C ASP A 56 -8.99 28.90 7.82
N ASN A 57 -9.99 29.27 7.01
CA ASN A 57 -11.37 28.88 7.31
C ASN A 57 -11.95 27.81 6.37
N ILE A 58 -11.06 27.09 5.70
CA ILE A 58 -11.49 26.03 4.78
C ILE A 58 -11.06 24.64 5.23
N ALA A 59 -12.03 23.72 5.26
CA ALA A 59 -11.78 22.33 5.62
C ALA A 59 -12.05 21.47 4.39
N LEU A 60 -11.07 20.65 4.00
CA LEU A 60 -11.23 19.76 2.87
C LEU A 60 -11.34 18.34 3.39
N VAL A 61 -12.49 17.72 3.14
CA VAL A 61 -12.74 16.36 3.56
C VAL A 61 -12.56 15.47 2.34
N ILE A 62 -11.51 14.65 2.35
CA ILE A 62 -11.20 13.77 1.23
C ILE A 62 -11.54 12.33 1.58
N ILE A 63 -12.29 11.67 0.70
CA ILE A 63 -12.66 10.27 0.91
C ILE A 63 -12.34 9.45 -0.33
N HIS A 64 -12.04 8.17 -0.14
CA HIS A 64 -11.74 7.26 -1.24
C HIS A 64 -12.25 5.87 -0.90
N ALA A 65 -12.13 4.95 -1.86
CA ALA A 65 -12.58 3.55 -1.70
C ALA A 65 -13.99 3.51 -1.12
N GLU A 66 -14.83 4.45 -1.56
CA GLU A 66 -16.19 4.53 -1.07
C GLU A 66 -17.05 3.48 -1.78
N GLY A 67 -16.79 3.29 -3.07
CA GLY A 67 -17.56 2.32 -3.83
C GLY A 67 -18.28 2.96 -5.01
N LYS A 68 -18.16 2.35 -6.18
CA LYS A 68 -18.80 2.85 -7.39
C LYS A 68 -20.31 2.96 -7.20
N GLN A 69 -20.83 2.23 -6.22
CA GLN A 69 -22.26 2.21 -5.94
C GLN A 69 -22.66 3.02 -4.71
N ARG A 70 -21.66 3.53 -3.98
CA ARG A 70 -21.93 4.31 -2.78
C ARG A 70 -21.80 5.82 -3.01
N ILE A 71 -21.12 6.21 -4.09
CA ILE A 71 -20.93 7.62 -4.41
C ILE A 71 -22.28 8.37 -4.42
N PRO A 72 -23.28 7.83 -5.13
CA PRO A 72 -24.59 8.51 -5.16
C PRO A 72 -25.23 8.52 -3.77
N LYS A 73 -24.96 7.47 -3.01
CA LYS A 73 -25.49 7.36 -1.66
C LYS A 73 -24.88 8.48 -0.81
N VAL A 74 -23.60 8.73 -1.02
CA VAL A 74 -22.91 9.79 -0.28
C VAL A 74 -23.41 11.17 -0.67
N LEU A 75 -23.63 11.37 -1.97
CA LEU A 75 -24.10 12.65 -2.48
C LEU A 75 -25.50 12.98 -1.98
N LYS A 76 -26.36 11.97 -1.96
CA LYS A 76 -27.72 12.18 -1.51
C LYS A 76 -27.73 12.63 -0.05
N SER A 77 -27.00 11.91 0.79
CA SER A 77 -26.92 12.26 2.20
C SER A 77 -26.44 13.69 2.37
N VAL A 78 -25.23 13.98 1.88
CA VAL A 78 -24.66 15.32 2.03
C VAL A 78 -25.63 16.40 1.54
N LEU A 79 -26.15 16.22 0.33
CA LEU A 79 -27.11 17.16 -0.27
C LEU A 79 -28.35 17.35 0.60
N ASP A 80 -28.90 16.25 1.10
CA ASP A 80 -30.09 16.35 1.95
C ASP A 80 -29.72 17.06 3.25
N SER A 81 -28.56 16.71 3.82
CA SER A 81 -28.12 17.37 5.04
C SER A 81 -27.96 18.87 4.79
N VAL A 82 -27.47 19.24 3.62
CA VAL A 82 -27.30 20.66 3.32
C VAL A 82 -28.67 21.34 3.19
N LYS A 83 -29.62 20.67 2.54
CA LYS A 83 -30.94 21.25 2.39
C LYS A 83 -31.55 21.50 3.76
N LEU A 84 -31.39 20.53 4.66
CA LEU A 84 -31.90 20.61 6.02
C LEU A 84 -31.10 21.57 6.89
N GLY A 85 -29.89 21.92 6.45
CA GLY A 85 -29.05 22.83 7.22
C GLY A 85 -28.27 22.15 8.35
N LEU A 86 -27.92 20.89 8.15
CA LEU A 86 -27.17 20.10 9.14
C LEU A 86 -25.68 19.95 8.79
N LEU A 87 -25.30 20.37 7.60
CA LEU A 87 -23.90 20.30 7.15
C LEU A 87 -23.54 21.59 6.44
N ASN A 88 -22.34 22.08 6.70
CA ASN A 88 -21.90 23.30 6.04
C ASN A 88 -21.03 23.01 4.81
N VAL A 89 -21.55 22.18 3.92
CA VAL A 89 -20.82 21.83 2.70
C VAL A 89 -21.25 22.73 1.56
N GLU A 90 -20.27 23.33 0.90
CA GLU A 90 -20.55 24.25 -0.19
C GLU A 90 -20.03 23.76 -1.54
N GLU A 91 -19.07 22.84 -1.53
CA GLU A 91 -18.56 22.33 -2.79
C GLU A 91 -18.23 20.85 -2.65
N VAL A 92 -18.44 20.14 -3.74
CA VAL A 92 -18.15 18.73 -3.80
C VAL A 92 -17.40 18.47 -5.10
N TYR A 93 -16.24 17.83 -4.99
CA TYR A 93 -15.42 17.50 -6.14
C TYR A 93 -15.46 15.99 -6.35
N VAL A 94 -15.70 15.55 -7.58
CA VAL A 94 -15.73 14.13 -7.86
C VAL A 94 -14.69 13.88 -8.95
N VAL A 95 -13.60 13.21 -8.57
CA VAL A 95 -12.49 12.94 -9.48
C VAL A 95 -12.41 11.48 -9.90
N ARG A 96 -12.33 11.26 -11.20
CA ARG A 96 -12.26 9.93 -11.76
C ARG A 96 -11.43 9.94 -13.04
N ASP A 97 -10.70 8.86 -13.29
CA ASP A 97 -9.91 8.78 -14.51
C ASP A 97 -10.90 8.93 -15.67
N VAL A 98 -10.40 9.49 -16.77
CA VAL A 98 -11.19 9.66 -17.97
C VAL A 98 -11.54 8.28 -18.56
N ASP A 99 -10.60 7.35 -18.47
CA ASP A 99 -10.74 5.97 -18.97
C ASP A 99 -11.95 5.22 -18.52
N GLU A 100 -12.26 5.32 -17.24
CA GLU A 100 -13.38 4.60 -16.67
C GLU A 100 -14.72 5.16 -17.11
N GLY A 101 -15.66 4.24 -17.31
CA GLY A 101 -17.01 4.59 -17.73
C GLY A 101 -17.15 5.65 -18.80
N ASN A 102 -18.21 6.42 -18.72
CA ASN A 102 -18.45 7.48 -19.68
C ASN A 102 -17.92 8.81 -19.15
N ASP A 103 -18.35 9.90 -19.75
CA ASP A 103 -17.90 11.22 -19.34
C ASP A 103 -18.25 11.46 -17.87
N VAL A 104 -17.28 11.91 -17.09
CA VAL A 104 -17.49 12.13 -15.67
C VAL A 104 -18.68 13.06 -15.38
N PHE A 105 -18.90 14.05 -16.25
CA PHE A 105 -20.01 14.97 -16.04
C PHE A 105 -21.34 14.21 -16.07
N GLU A 106 -21.54 13.38 -17.09
CA GLU A 106 -22.77 12.58 -17.17
C GLU A 106 -22.84 11.60 -15.98
N TRP A 107 -21.71 11.01 -15.62
CA TRP A 107 -21.67 10.07 -14.50
C TRP A 107 -22.23 10.71 -13.23
N VAL A 108 -21.71 11.88 -12.87
CA VAL A 108 -22.19 12.57 -11.69
C VAL A 108 -23.65 12.99 -11.84
N LEU A 109 -23.97 13.59 -12.98
CA LEU A 109 -25.33 14.04 -13.25
C LEU A 109 -26.38 12.93 -13.04
N SER A 110 -26.02 11.71 -13.42
CA SER A 110 -26.91 10.55 -13.27
C SER A 110 -27.19 10.21 -11.81
N PHE A 111 -26.45 10.82 -10.89
CA PHE A 111 -26.64 10.59 -9.45
C PHE A 111 -27.62 11.60 -8.86
N LEU A 112 -27.87 12.69 -9.58
CA LEU A 112 -28.74 13.74 -9.09
C LEU A 112 -30.17 13.74 -9.62
N ARG A 113 -30.89 12.65 -9.38
CA ARG A 113 -32.28 12.56 -9.83
C ARG A 113 -33.22 13.25 -8.82
N GLU A 114 -34.31 13.83 -9.32
CA GLU A 114 -35.27 14.54 -8.46
C GLU A 114 -34.64 15.77 -7.80
N ARG A 115 -33.66 16.35 -8.48
CA ARG A 115 -32.95 17.53 -7.99
C ARG A 115 -33.07 18.67 -8.98
N GLU A 116 -33.24 19.88 -8.48
CA GLU A 116 -33.30 21.05 -9.34
C GLU A 116 -31.82 21.31 -9.60
N VAL A 117 -31.44 21.42 -10.87
CA VAL A 117 -30.05 21.62 -11.22
C VAL A 117 -29.83 22.85 -12.09
N ARG A 118 -28.62 23.39 -12.05
CA ARG A 118 -28.23 24.56 -12.83
C ARG A 118 -26.72 24.47 -12.99
N VAL A 119 -26.24 24.68 -14.21
CA VAL A 119 -24.81 24.59 -14.47
C VAL A 119 -24.16 25.97 -14.46
N ASP A 120 -23.07 26.08 -13.72
CA ASP A 120 -22.37 27.33 -13.60
C ASP A 120 -20.87 27.07 -13.57
N ASN A 121 -20.15 27.63 -14.53
CA ASN A 121 -18.71 27.45 -14.62
C ASN A 121 -18.33 25.99 -14.64
N GLY A 122 -19.03 25.20 -15.46
CA GLY A 122 -18.73 23.79 -15.55
C GLY A 122 -19.09 23.00 -14.30
N ALA A 123 -19.76 23.63 -13.33
CA ALA A 123 -20.15 22.93 -12.11
C ALA A 123 -21.66 22.69 -12.11
N ILE A 124 -22.09 21.65 -11.40
CA ILE A 124 -23.51 21.31 -11.29
C ILE A 124 -23.97 21.87 -9.93
N VAL A 125 -24.88 22.84 -9.96
CA VAL A 125 -25.34 23.45 -8.72
C VAL A 125 -26.73 22.95 -8.35
N THR A 126 -26.84 22.41 -7.14
CA THR A 126 -28.11 21.91 -6.66
C THR A 126 -28.08 22.03 -5.15
N GLU A 127 -29.20 22.41 -4.56
CA GLU A 127 -29.27 22.58 -3.11
C GLU A 127 -28.22 23.60 -2.67
N GLY A 128 -27.86 24.50 -3.56
CA GLY A 128 -26.86 25.51 -3.23
C GLY A 128 -25.44 24.98 -3.17
N VAL A 129 -25.25 23.73 -3.57
CA VAL A 129 -23.91 23.11 -3.54
C VAL A 129 -23.30 22.98 -4.93
N LYS A 130 -22.07 23.47 -5.09
CA LYS A 130 -21.38 23.37 -6.37
C LYS A 130 -20.69 22.01 -6.52
N ILE A 131 -21.17 21.19 -7.45
CA ILE A 131 -20.58 19.88 -7.68
C ILE A 131 -19.67 19.93 -8.91
N TYR A 132 -18.39 19.62 -8.69
CA TYR A 132 -17.42 19.66 -9.77
C TYR A 132 -16.97 18.29 -10.25
N PRO A 133 -17.48 17.87 -11.40
CA PRO A 133 -17.05 16.56 -11.91
C PRO A 133 -15.76 16.78 -12.68
N TYR A 134 -14.72 16.02 -12.34
CA TYR A 134 -13.44 16.19 -13.00
C TYR A 134 -12.80 14.88 -13.47
N GLY A 135 -12.39 14.86 -14.74
CA GLY A 135 -11.75 13.68 -15.29
C GLY A 135 -10.24 13.83 -15.23
N MET A 136 -9.57 12.88 -14.59
CA MET A 136 -8.11 12.92 -14.45
C MET A 136 -7.40 12.25 -15.63
N GLY A 137 -6.29 12.85 -16.04
CA GLY A 137 -5.54 12.28 -17.15
C GLY A 137 -5.89 12.82 -18.51
N ASN A 138 -6.38 14.06 -18.58
CA ASN A 138 -6.72 14.62 -19.88
C ASN A 138 -5.51 15.29 -20.52
N LEU A 139 -4.66 14.48 -21.13
CA LEU A 139 -3.45 14.97 -21.80
C LEU A 139 -2.96 13.93 -22.78
N THR A 140 -1.87 14.22 -23.47
CA THR A 140 -1.30 13.28 -24.41
C THR A 140 0.14 13.05 -24.02
N LEU A 141 0.44 11.81 -23.64
CA LEU A 141 1.79 11.45 -23.23
C LEU A 141 2.43 10.87 -24.48
N ASN A 142 3.34 11.61 -25.09
CA ASN A 142 3.95 11.13 -26.31
C ASN A 142 5.15 10.22 -26.13
N GLU A 143 4.88 8.95 -25.78
CA GLU A 143 5.91 7.94 -25.59
C GLU A 143 5.57 6.72 -26.46
N PRO A 144 6.43 6.40 -27.44
CA PRO A 144 6.20 5.26 -28.35
C PRO A 144 5.95 3.91 -27.70
N PHE A 145 6.39 3.75 -26.46
CA PHE A 145 6.21 2.46 -25.78
C PHE A 145 5.15 2.48 -24.67
N VAL A 146 4.39 3.56 -24.59
CA VAL A 146 3.36 3.69 -23.58
C VAL A 146 1.96 3.91 -24.17
N LYS A 147 1.01 3.08 -23.74
CA LYS A 147 -0.36 3.21 -24.22
C LYS A 147 -0.96 4.52 -23.77
N GLU A 148 -1.87 5.05 -24.58
CA GLU A 148 -2.49 6.32 -24.27
C GLU A 148 -3.74 6.11 -23.40
N LYS A 149 -3.52 5.76 -22.13
CA LYS A 149 -4.65 5.55 -21.22
C LYS A 149 -4.79 6.77 -20.31
N LYS A 150 -5.89 7.48 -20.46
CA LYS A 150 -6.14 8.70 -19.69
C LYS A 150 -6.55 8.38 -18.26
N GLU A 151 -5.63 8.63 -17.34
CA GLU A 151 -5.85 8.36 -15.94
C GLU A 151 -4.75 9.01 -15.10
N LEU A 152 -4.89 8.93 -13.79
CA LEU A 152 -3.93 9.52 -12.86
C LEU A 152 -2.48 9.18 -13.21
N GLU A 153 -2.24 7.93 -13.60
CA GLU A 153 -0.88 7.52 -13.91
C GLU A 153 -0.32 8.19 -15.16
N LEU A 154 -1.19 8.47 -16.14
CA LEU A 154 -0.77 9.12 -17.37
C LEU A 154 -0.21 10.50 -17.05
N SER A 155 -0.87 11.21 -16.14
CA SER A 155 -0.39 12.53 -15.73
C SER A 155 0.93 12.38 -14.98
N LEU A 156 1.03 11.36 -14.12
CA LEU A 156 2.24 11.08 -13.36
C LEU A 156 3.37 10.75 -14.32
N ALA A 157 3.03 10.03 -15.38
CA ALA A 157 4.02 9.67 -16.39
C ALA A 157 4.51 10.93 -17.10
N TYR A 158 3.62 11.91 -17.26
CA TYR A 158 3.99 13.15 -17.94
C TYR A 158 4.92 13.98 -17.07
N LEU A 159 4.69 13.94 -15.76
CA LEU A 159 5.54 14.66 -14.83
C LEU A 159 6.93 14.02 -14.88
N ALA A 160 6.99 12.68 -14.96
CA ALA A 160 8.25 11.97 -15.03
C ALA A 160 8.99 12.39 -16.29
N LYS A 161 8.24 12.56 -17.38
CA LYS A 161 8.82 12.99 -18.64
C LYS A 161 9.47 14.36 -18.48
N LEU A 162 8.70 15.36 -18.03
CA LEU A 162 9.25 16.69 -17.86
C LEU A 162 10.50 16.70 -16.99
N ASP A 163 10.51 15.78 -16.03
CA ASP A 163 11.63 15.65 -15.09
C ASP A 163 12.81 14.96 -15.77
N GLY A 164 12.63 14.53 -17.01
CA GLY A 164 13.70 13.86 -17.74
C GLY A 164 13.92 12.40 -17.38
N ILE A 165 13.05 11.85 -16.54
CA ILE A 165 13.17 10.45 -16.10
C ILE A 165 12.97 9.47 -17.26
N LEU A 166 11.85 9.60 -17.98
CA LEU A 166 11.54 8.70 -19.08
C LEU A 166 12.59 8.74 -20.19
N GLU A 167 13.34 9.82 -20.22
CA GLU A 167 14.40 10.01 -21.18
C GLU A 167 15.60 9.21 -20.71
N LYS A 168 15.97 9.40 -19.44
CA LYS A 168 17.08 8.69 -18.82
C LYS A 168 16.90 7.20 -19.01
N TYR A 169 15.66 6.78 -19.20
CA TYR A 169 15.39 5.37 -19.40
C TYR A 169 15.07 5.12 -20.86
N ARG A 170 13.81 4.83 -21.19
CA ARG A 170 13.44 4.58 -22.58
C ARG A 170 14.05 3.25 -23.04
N GLY A 171 15.37 3.12 -22.92
CA GLY A 171 16.02 1.87 -23.29
C GLY A 171 15.38 0.76 -22.45
N SER A 172 15.02 1.10 -21.22
CA SER A 172 14.36 0.13 -20.35
C SER A 172 12.93 -0.06 -20.84
N MET A 173 12.26 1.03 -21.20
CA MET A 173 10.89 0.97 -21.69
C MET A 173 10.80 0.08 -22.92
N ARG A 174 11.79 0.20 -23.80
CA ARG A 174 11.87 -0.59 -25.03
C ARG A 174 11.97 -2.06 -24.65
N ALA A 175 12.90 -2.36 -23.75
CA ALA A 175 13.11 -3.72 -23.30
C ALA A 175 11.86 -4.25 -22.59
N LEU A 176 11.27 -3.45 -21.69
CA LEU A 176 10.07 -3.92 -20.98
C LEU A 176 8.97 -4.27 -21.98
N SER A 177 8.81 -3.42 -22.99
CA SER A 177 7.80 -3.64 -24.01
C SER A 177 8.05 -4.95 -24.75
N GLN A 178 9.27 -5.12 -25.25
CA GLN A 178 9.64 -6.34 -25.97
C GLN A 178 9.33 -7.61 -25.18
N ASP A 179 9.76 -7.67 -23.93
CA ASP A 179 9.54 -8.85 -23.11
C ASP A 179 8.07 -9.06 -22.75
N LYS A 180 7.33 -7.96 -22.60
CA LYS A 180 5.92 -8.03 -22.26
C LYS A 180 5.08 -8.42 -23.47
N GLY A 181 5.59 -8.10 -24.65
CA GLY A 181 4.89 -8.41 -25.87
C GLY A 181 3.74 -7.46 -26.16
N ASP A 182 3.90 -6.21 -25.72
CA ASP A 182 2.87 -5.17 -25.92
C ASP A 182 3.41 -3.86 -25.33
N LYS A 183 2.72 -2.76 -25.60
CA LYS A 183 3.14 -1.48 -25.06
C LYS A 183 2.91 -1.47 -23.56
N LEU A 184 3.67 -0.62 -22.89
CA LEU A 184 3.59 -0.45 -21.46
C LEU A 184 2.40 0.45 -21.10
N THR A 185 1.69 0.09 -20.03
CA THR A 185 0.56 0.91 -19.57
C THR A 185 1.13 2.04 -18.70
N PRO A 186 0.36 3.11 -18.48
CA PRO A 186 0.89 4.17 -17.62
C PRO A 186 1.25 3.61 -16.24
N LYS A 187 0.47 2.64 -15.76
CA LYS A 187 0.76 2.06 -14.46
C LYS A 187 2.05 1.24 -14.50
N ASP A 188 2.41 0.73 -15.67
CA ASP A 188 3.66 -0.01 -15.79
C ASP A 188 4.81 0.99 -15.59
N VAL A 189 4.68 2.16 -16.21
CA VAL A 189 5.71 3.20 -16.10
C VAL A 189 5.91 3.61 -14.65
N MET A 190 4.84 3.55 -13.89
CA MET A 190 4.91 3.94 -12.50
C MET A 190 5.91 3.04 -11.77
N HIS A 191 5.98 1.78 -12.18
CA HIS A 191 6.91 0.87 -11.55
C HIS A 191 8.35 1.12 -11.99
N ILE A 192 8.52 1.67 -13.19
CA ILE A 192 9.85 1.98 -13.67
C ILE A 192 10.32 3.17 -12.85
N LEU A 193 9.37 4.06 -12.54
CA LEU A 193 9.65 5.24 -11.75
C LEU A 193 10.14 4.82 -10.35
N SER A 194 9.57 3.76 -9.79
CA SER A 194 9.99 3.29 -8.47
C SER A 194 11.46 2.90 -8.50
N ILE A 195 11.85 2.25 -9.60
CA ILE A 195 13.22 1.81 -9.78
C ILE A 195 14.14 3.02 -10.04
N ALA A 196 13.67 3.94 -10.87
CA ALA A 196 14.47 5.12 -11.19
C ALA A 196 14.70 6.00 -9.98
N ASN A 197 13.82 5.94 -9.00
CA ASN A 197 13.99 6.77 -7.79
C ASN A 197 14.41 5.92 -6.61
N ASP A 198 14.71 4.66 -6.87
CA ASP A 198 15.11 3.73 -5.82
C ASP A 198 14.11 3.76 -4.67
N TYR A 199 12.83 3.62 -5.00
CA TYR A 199 11.76 3.63 -4.01
C TYR A 199 11.70 2.27 -3.34
N THR A 200 11.83 2.26 -2.01
CA THR A 200 11.80 1.01 -1.26
C THR A 200 10.45 0.73 -0.60
N GLY A 201 9.56 1.70 -0.61
CA GLY A 201 8.27 1.51 0.05
C GLY A 201 7.41 0.44 -0.59
N ASP A 202 6.32 0.10 0.09
CA ASP A 202 5.40 -0.92 -0.39
C ASP A 202 4.38 -0.38 -1.41
N CYS A 203 3.88 0.82 -1.16
CA CYS A 203 2.87 1.39 -2.05
C CYS A 203 3.33 2.54 -2.95
N LEU A 204 2.79 2.53 -4.16
CA LEU A 204 3.10 3.55 -5.13
C LEU A 204 2.58 4.89 -4.63
N SER A 205 1.47 4.85 -3.88
CA SER A 205 0.88 6.06 -3.36
C SER A 205 1.92 6.79 -2.51
N GLY A 206 2.73 6.03 -1.77
CA GLY A 206 3.77 6.62 -0.96
C GLY A 206 4.85 7.26 -1.80
N LEU A 207 5.07 6.70 -2.99
CA LEU A 207 6.08 7.22 -3.90
C LEU A 207 5.66 8.57 -4.47
N TYR A 208 4.37 8.72 -4.77
CA TYR A 208 3.86 9.97 -5.31
C TYR A 208 4.08 11.12 -4.33
N GLU A 209 3.77 10.88 -3.05
CA GLU A 209 3.95 11.87 -1.99
C GLU A 209 5.43 12.25 -1.90
N LYS A 210 6.30 11.25 -1.85
CA LYS A 210 7.73 11.49 -1.75
C LYS A 210 8.26 12.23 -2.97
N TYR A 211 8.05 11.65 -4.15
CA TYR A 211 8.51 12.24 -5.41
C TYR A 211 8.03 13.68 -5.61
N ILE A 212 6.75 13.93 -5.37
CA ILE A 212 6.23 15.27 -5.56
C ILE A 212 6.70 16.20 -4.44
N GLY A 213 6.69 15.68 -3.21
CA GLY A 213 7.11 16.46 -2.06
C GLY A 213 8.53 16.97 -2.20
N ILE A 214 9.41 16.14 -2.73
CA ILE A 214 10.79 16.54 -2.91
C ILE A 214 10.92 17.54 -4.06
N MET A 215 10.19 17.31 -5.16
CA MET A 215 10.23 18.20 -6.33
C MET A 215 9.88 19.61 -5.92
N ILE A 216 8.89 19.73 -5.04
CA ILE A 216 8.46 21.03 -4.56
C ILE A 216 9.64 21.78 -3.95
N HIS A 217 10.61 21.03 -3.47
CA HIS A 217 11.81 21.60 -2.87
C HIS A 217 12.96 21.78 -3.84
N ARG A 218 13.17 20.85 -4.77
CA ARG A 218 14.28 20.97 -5.71
C ARG A 218 13.97 21.74 -6.99
N ASN A 219 12.73 21.63 -7.47
CA ASN A 219 12.34 22.33 -8.68
C ASN A 219 10.84 22.61 -8.68
N ARG A 220 10.46 23.56 -7.85
CA ARG A 220 9.07 23.96 -7.69
C ARG A 220 8.41 24.37 -9.01
N GLU A 221 9.13 25.12 -9.83
CA GLU A 221 8.59 25.60 -11.10
C GLU A 221 8.22 24.48 -12.06
N LEU A 222 8.98 23.39 -12.00
CA LEU A 222 8.70 22.26 -12.86
C LEU A 222 7.31 21.69 -12.53
N LEU A 223 7.02 21.51 -11.24
CA LEU A 223 5.72 20.97 -10.80
C LEU A 223 4.57 21.90 -11.19
N ILE A 224 4.78 23.20 -10.97
CA ILE A 224 3.77 24.18 -11.29
C ILE A 224 3.49 24.15 -12.78
N ARG A 225 4.56 24.06 -13.58
CA ARG A 225 4.42 24.02 -15.04
C ARG A 225 3.67 22.75 -15.43
N PHE A 226 4.02 21.64 -14.78
CA PHE A 226 3.36 20.38 -15.03
C PHE A 226 1.86 20.52 -14.75
N LEU A 227 1.53 21.02 -13.56
CA LEU A 227 0.14 21.21 -13.14
C LEU A 227 -0.65 22.07 -14.12
N SER A 228 0.03 23.01 -14.75
CA SER A 228 -0.59 23.91 -15.71
C SER A 228 -0.82 23.22 -17.06
N GLU A 229 0.21 22.54 -17.58
CA GLU A 229 0.09 21.86 -18.87
C GLU A 229 -0.92 20.72 -18.86
N VAL A 230 -1.16 20.14 -17.69
CA VAL A 230 -2.11 19.03 -17.57
C VAL A 230 -3.47 19.57 -17.17
N ASN A 231 -3.51 20.87 -16.95
CA ASN A 231 -4.73 21.57 -16.56
C ASN A 231 -5.28 21.09 -15.22
N LEU A 232 -4.44 21.16 -14.18
CA LEU A 232 -4.81 20.77 -12.83
C LEU A 232 -4.87 22.02 -11.96
N LEU A 233 -4.21 23.09 -12.41
CA LEU A 233 -4.18 24.33 -11.65
C LEU A 233 -5.56 24.93 -11.35
N PRO A 234 -6.40 25.10 -12.37
CA PRO A 234 -7.72 25.67 -12.14
C PRO A 234 -8.58 24.87 -11.15
N LEU A 235 -8.40 23.56 -11.13
CA LEU A 235 -9.14 22.70 -10.20
C LEU A 235 -8.62 22.90 -8.77
N LEU A 236 -7.31 22.89 -8.63
CA LEU A 236 -6.68 23.08 -7.32
C LEU A 236 -7.00 24.45 -6.77
N GLU A 237 -6.92 25.47 -7.63
CA GLU A 237 -7.18 26.83 -7.19
C GLU A 237 -8.64 27.03 -6.79
N ARG A 238 -9.51 26.13 -7.25
CA ARG A 238 -10.93 26.20 -6.92
C ARG A 238 -11.13 25.56 -5.54
N MET A 239 -10.54 24.38 -5.37
CA MET A 239 -10.61 23.63 -4.12
C MET A 239 -10.18 24.56 -2.99
N VAL A 240 -9.06 25.25 -3.19
CA VAL A 240 -8.56 26.17 -2.19
C VAL A 240 -9.10 27.56 -2.51
N GLY A 241 -9.03 28.48 -1.57
CA GLY A 241 -9.56 29.80 -1.87
C GLY A 241 -11.04 29.81 -2.27
N MET B 1 -8.19 -22.72 22.98
CA MET B 1 -7.56 -22.11 21.78
C MET B 1 -6.07 -21.89 22.07
N ARG B 2 -5.24 -22.54 21.26
CA ARG B 2 -3.79 -22.42 21.37
C ARG B 2 -3.41 -21.05 20.77
N ILE B 3 -2.64 -20.26 21.51
CA ILE B 3 -2.25 -18.92 21.06
C ILE B 3 -0.78 -18.81 20.65
N LYS B 4 -0.54 -18.36 19.42
CA LYS B 4 0.82 -18.17 18.94
C LYS B 4 1.00 -16.74 18.47
N LEU B 5 2.15 -16.15 18.75
CA LEU B 5 2.44 -14.78 18.35
C LEU B 5 3.46 -14.76 17.23
N ILE B 6 3.13 -14.06 16.15
CA ILE B 6 4.03 -13.95 15.00
C ILE B 6 4.36 -12.48 14.77
N ILE B 7 5.65 -12.17 14.87
CA ILE B 7 6.15 -10.81 14.70
C ILE B 7 6.96 -10.62 13.42
N VAL B 8 6.47 -9.78 12.53
CA VAL B 8 7.15 -9.48 11.26
C VAL B 8 7.42 -7.98 11.22
N GLU B 9 8.22 -7.54 10.26
CA GLU B 9 8.57 -6.12 10.15
C GLU B 9 7.50 -5.21 9.53
N GLY B 10 6.96 -5.55 8.37
CA GLY B 10 5.94 -4.70 7.75
C GLY B 10 4.81 -5.41 7.02
N LYS B 11 3.94 -4.61 6.39
CA LYS B 11 2.79 -5.11 5.62
C LYS B 11 3.20 -6.15 4.58
N THR B 12 4.31 -5.89 3.89
CA THR B 12 4.80 -6.82 2.88
C THR B 12 5.05 -8.21 3.47
N ASP B 13 5.63 -8.25 4.67
CA ASP B 13 5.91 -9.52 5.32
C ASP B 13 4.65 -10.17 5.84
N GLU B 14 3.73 -9.33 6.33
CA GLU B 14 2.47 -9.83 6.83
C GLU B 14 1.69 -10.55 5.72
N SER B 15 1.58 -9.90 4.55
CA SER B 15 0.86 -10.48 3.41
C SER B 15 1.45 -11.79 2.96
N PHE B 16 2.78 -11.85 2.90
CA PHE B 16 3.48 -13.06 2.47
C PHE B 16 3.02 -14.22 3.33
N PHE B 17 3.14 -14.08 4.65
CA PHE B 17 2.72 -15.13 5.56
C PHE B 17 1.20 -15.33 5.57
N LYS B 18 0.44 -14.25 5.39
CA LYS B 18 -1.02 -14.34 5.38
C LYS B 18 -1.56 -15.22 4.24
N VAL B 19 -1.08 -14.98 3.03
CA VAL B 19 -1.56 -15.76 1.90
C VAL B 19 -1.14 -17.21 2.01
N LEU B 20 0.03 -17.47 2.59
CA LEU B 20 0.51 -18.86 2.74
C LEU B 20 -0.31 -19.56 3.82
N LEU B 21 -0.48 -18.91 4.95
CA LEU B 21 -1.23 -19.47 6.05
C LEU B 21 -2.72 -19.68 5.72
N GLU B 22 -3.31 -18.79 4.92
CA GLU B 22 -4.73 -18.93 4.57
C GLU B 22 -4.98 -19.88 3.39
N LYS B 23 -4.44 -19.53 2.23
CA LYS B 23 -4.63 -20.29 1.00
C LYS B 23 -3.98 -21.67 0.94
N LEU B 24 -2.81 -21.82 1.57
CA LEU B 24 -2.11 -23.10 1.57
C LEU B 24 -2.44 -23.98 2.78
N TYR B 25 -2.52 -23.38 3.97
CA TYR B 25 -2.79 -24.16 5.18
C TYR B 25 -4.22 -24.07 5.70
N GLY B 26 -5.06 -23.33 4.98
CA GLY B 26 -6.46 -23.21 5.37
C GLY B 26 -6.83 -22.39 6.58
N PHE B 27 -6.02 -21.41 6.96
CA PHE B 27 -6.34 -20.55 8.09
C PHE B 27 -7.29 -19.44 7.62
N ARG B 28 -8.12 -18.94 8.54
CA ARG B 28 -9.07 -17.89 8.20
C ARG B 28 -8.93 -16.72 9.18
N GLU B 29 -9.32 -15.52 8.75
CA GLU B 29 -9.24 -14.34 9.62
C GLU B 29 -10.31 -14.38 10.70
N ALA B 30 -9.94 -13.91 11.89
CA ALA B 30 -10.87 -13.87 13.02
C ALA B 30 -12.15 -13.16 12.59
N LYS B 31 -13.27 -13.57 13.18
CA LYS B 31 -14.57 -13.00 12.86
C LYS B 31 -14.62 -11.53 13.27
N LYS B 32 -15.80 -11.08 13.72
CA LYS B 32 -15.99 -9.71 14.17
C LYS B 32 -15.22 -9.57 15.48
N LEU B 33 -14.57 -10.67 15.87
CA LEU B 33 -13.76 -10.72 17.07
C LEU B 33 -12.71 -9.62 17.02
N THR B 34 -12.98 -8.50 17.69
CA THR B 34 -12.05 -7.39 17.71
C THR B 34 -11.79 -6.92 19.13
N PRO B 35 -11.15 -7.77 19.96
CA PRO B 35 -10.84 -7.42 21.34
C PRO B 35 -9.61 -6.52 21.44
N GLU B 36 -9.79 -5.36 22.08
CA GLU B 36 -8.70 -4.41 22.24
C GLU B 36 -7.57 -5.07 23.04
N PHE B 37 -6.58 -5.63 22.35
CA PHE B 37 -5.46 -6.26 23.04
C PHE B 37 -4.85 -5.30 24.06
N PRO B 38 -5.06 -5.57 25.36
CA PRO B 38 -4.53 -4.70 26.41
C PRO B 38 -3.03 -4.46 26.29
N ILE B 39 -2.66 -3.21 26.06
CA ILE B 39 -1.26 -2.82 25.92
C ILE B 39 -0.48 -3.18 27.19
N GLY B 40 -1.21 -3.42 28.28
CA GLY B 40 -0.58 -3.78 29.55
C GLY B 40 -0.12 -5.22 29.56
N LYS B 41 -0.69 -6.03 28.67
CA LYS B 41 -0.33 -7.44 28.58
C LYS B 41 0.57 -7.76 27.38
N TRP B 42 0.20 -7.30 26.20
CA TRP B 42 0.99 -7.54 25.00
C TRP B 42 2.09 -6.52 24.74
N GLY B 43 1.86 -5.29 25.19
CA GLY B 43 2.86 -4.25 25.02
C GLY B 43 3.01 -3.70 23.62
N PHE B 44 1.88 -3.42 22.98
CA PHE B 44 1.91 -2.88 21.63
C PHE B 44 1.29 -1.49 21.63
N ARG B 45 1.89 -0.57 20.87
CA ARG B 45 1.41 0.81 20.80
C ARG B 45 -0.10 0.89 20.58
N ILE B 46 -0.72 1.86 21.26
CA ILE B 46 -2.16 2.07 21.19
C ILE B 46 -2.65 2.22 19.75
N GLY B 47 -3.90 1.80 19.51
CA GLY B 47 -4.48 1.90 18.19
C GLY B 47 -3.99 0.89 17.16
N GLU B 48 -3.27 -0.12 17.63
CA GLU B 48 -2.76 -1.15 16.72
C GLU B 48 -3.71 -2.35 16.72
N HIS B 49 -4.16 -2.73 15.52
CA HIS B 49 -5.07 -3.87 15.36
C HIS B 49 -4.38 -5.04 14.67
N PRO B 50 -3.97 -6.05 15.46
CA PRO B 50 -3.29 -7.22 14.89
C PRO B 50 -4.18 -8.08 13.98
N LEU B 51 -3.53 -8.92 13.19
CA LEU B 51 -4.21 -9.82 12.29
C LEU B 51 -4.31 -11.16 12.98
N VAL B 52 -5.53 -11.63 13.20
CA VAL B 52 -5.71 -12.91 13.85
C VAL B 52 -6.20 -13.95 12.85
N LEU B 53 -5.41 -15.01 12.67
CA LEU B 53 -5.77 -16.09 11.77
C LEU B 53 -6.07 -17.32 12.61
N GLU B 54 -7.12 -18.05 12.26
CA GLU B 54 -7.50 -19.23 13.01
C GLU B 54 -7.83 -20.43 12.13
N LYS B 55 -7.65 -21.61 12.72
CA LYS B 55 -7.94 -22.89 12.08
C LYS B 55 -7.94 -23.92 13.18
N ASP B 56 -9.06 -24.61 13.32
CA ASP B 56 -9.22 -25.63 14.35
C ASP B 56 -9.11 -24.92 15.71
N ASN B 57 -8.16 -25.35 16.54
CA ASN B 57 -7.99 -24.75 17.87
C ASN B 57 -6.68 -23.94 17.98
N ILE B 58 -6.26 -23.35 16.87
CA ILE B 58 -5.04 -22.56 16.87
C ILE B 58 -5.33 -21.14 16.42
N ALA B 59 -4.80 -20.17 17.16
CA ALA B 59 -4.98 -18.77 16.79
C ALA B 59 -3.61 -18.12 16.59
N LEU B 60 -3.37 -17.66 15.37
CA LEU B 60 -2.13 -16.99 15.04
C LEU B 60 -2.33 -15.47 15.03
N VAL B 61 -1.73 -14.79 15.99
CA VAL B 61 -1.81 -13.34 16.10
C VAL B 61 -0.53 -12.76 15.50
N ILE B 62 -0.67 -12.20 14.30
CA ILE B 62 0.42 -11.61 13.54
C ILE B 62 0.48 -10.10 13.71
N ILE B 63 1.69 -9.57 13.92
CA ILE B 63 1.86 -8.11 14.07
C ILE B 63 3.08 -7.63 13.30
N HIS B 64 3.00 -6.39 12.83
CA HIS B 64 4.09 -5.77 12.09
C HIS B 64 4.22 -4.31 12.49
N ALA B 65 4.90 -3.52 11.65
CA ALA B 65 5.12 -2.10 11.90
C ALA B 65 5.50 -1.88 13.36
N GLU B 66 6.36 -2.76 13.85
CA GLU B 66 6.83 -2.69 15.22
C GLU B 66 7.83 -1.56 15.42
N GLY B 67 9.10 -1.88 15.16
CA GLY B 67 10.15 -0.90 15.31
C GLY B 67 11.41 -1.61 15.75
N LYS B 68 12.50 -0.85 15.88
CA LYS B 68 13.78 -1.41 16.28
C LYS B 68 13.89 -1.40 17.80
N GLN B 69 12.92 -0.76 18.46
CA GLN B 69 12.93 -0.69 19.91
C GLN B 69 11.58 -1.11 20.49
N ARG B 70 10.70 -1.64 19.65
CA ARG B 70 9.39 -2.08 20.09
C ARG B 70 9.35 -3.60 20.27
N ILE B 71 10.14 -4.30 19.44
CA ILE B 71 10.21 -5.76 19.52
C ILE B 71 10.55 -6.18 20.96
N PRO B 72 11.58 -5.55 21.56
CA PRO B 72 11.96 -5.90 22.93
C PRO B 72 10.88 -5.62 23.96
N LYS B 73 10.10 -4.58 23.73
CA LYS B 73 9.03 -4.22 24.64
C LYS B 73 7.89 -5.22 24.53
N VAL B 74 7.64 -5.69 23.31
CA VAL B 74 6.59 -6.66 23.08
C VAL B 74 6.95 -7.98 23.77
N LEU B 75 8.15 -8.48 23.50
CA LEU B 75 8.62 -9.71 24.11
C LEU B 75 8.65 -9.65 25.63
N LYS B 76 9.08 -8.51 26.16
CA LYS B 76 9.15 -8.35 27.61
C LYS B 76 7.75 -8.40 28.22
N SER B 77 6.80 -7.63 27.67
CA SER B 77 5.43 -7.64 28.19
C SER B 77 4.82 -9.03 28.14
N VAL B 78 4.83 -9.63 26.96
CA VAL B 78 4.28 -10.97 26.78
C VAL B 78 4.91 -11.96 27.76
N LEU B 79 6.24 -11.98 27.85
CA LEU B 79 6.91 -12.89 28.77
C LEU B 79 6.62 -12.56 30.22
N ASP B 80 6.35 -11.29 30.51
CA ASP B 80 6.00 -10.89 31.87
C ASP B 80 4.59 -11.40 32.15
N SER B 81 3.73 -11.36 31.13
CA SER B 81 2.35 -11.82 31.30
C SER B 81 2.24 -13.33 31.47
N VAL B 82 3.00 -14.07 30.66
CA VAL B 82 2.95 -15.52 30.72
C VAL B 82 3.46 -15.97 32.09
N LYS B 83 4.49 -15.29 32.58
CA LYS B 83 5.07 -15.62 33.87
C LYS B 83 4.00 -15.53 34.96
N LEU B 84 3.08 -14.58 34.82
CA LEU B 84 2.00 -14.41 35.78
C LEU B 84 0.76 -15.18 35.31
N GLY B 85 0.91 -15.93 34.23
CA GLY B 85 -0.21 -16.69 33.71
C GLY B 85 -1.31 -15.81 33.16
N LEU B 86 -0.97 -14.59 32.76
CA LEU B 86 -1.95 -13.64 32.24
C LEU B 86 -2.24 -13.78 30.74
N LEU B 87 -1.41 -14.54 30.03
CA LEU B 87 -1.61 -14.79 28.60
C LEU B 87 -1.34 -16.26 28.31
N ASN B 88 -2.00 -16.80 27.30
CA ASN B 88 -1.78 -18.20 26.98
C ASN B 88 -0.76 -18.42 25.88
N VAL B 89 -0.09 -17.36 25.45
CA VAL B 89 0.91 -17.50 24.40
C VAL B 89 1.86 -18.66 24.69
N GLU B 90 2.09 -19.51 23.70
CA GLU B 90 2.96 -20.67 23.87
C GLU B 90 4.09 -20.74 22.82
N GLU B 91 4.01 -19.89 21.82
CA GLU B 91 5.00 -19.85 20.77
C GLU B 91 5.10 -18.43 20.23
N VAL B 92 6.33 -17.97 20.04
CA VAL B 92 6.55 -16.65 19.50
C VAL B 92 7.54 -16.79 18.33
N TYR B 93 7.16 -16.22 17.20
CA TYR B 93 7.97 -16.23 15.99
C TYR B 93 8.41 -14.81 15.73
N VAL B 94 9.68 -14.65 15.37
CA VAL B 94 10.23 -13.35 15.09
C VAL B 94 11.04 -13.44 13.81
N VAL B 95 10.50 -12.90 12.72
CA VAL B 95 11.20 -12.96 11.45
C VAL B 95 11.59 -11.60 10.89
N ARG B 96 12.80 -11.53 10.34
CA ARG B 96 13.28 -10.31 9.75
C ARG B 96 14.29 -10.69 8.69
N ASP B 97 14.49 -9.78 7.74
CA ASP B 97 15.45 -9.96 6.66
C ASP B 97 16.84 -10.29 7.24
N VAL B 98 17.53 -11.23 6.60
CA VAL B 98 18.87 -11.61 7.05
C VAL B 98 19.85 -10.43 6.98
N ASP B 99 19.81 -9.66 5.89
CA ASP B 99 20.71 -8.53 5.70
C ASP B 99 20.52 -7.37 6.65
N GLU B 100 19.65 -7.57 7.63
CA GLU B 100 19.36 -6.56 8.63
C GLU B 100 20.16 -6.91 9.89
N GLY B 101 20.80 -5.89 10.46
CA GLY B 101 21.59 -6.06 11.66
C GLY B 101 22.42 -7.33 11.73
N ASN B 102 22.57 -7.84 12.95
CA ASN B 102 23.34 -9.04 13.19
C ASN B 102 22.46 -10.26 12.99
N ASP B 103 23.01 -11.43 13.33
CA ASP B 103 22.21 -12.63 13.18
C ASP B 103 20.94 -12.51 14.00
N VAL B 104 19.84 -13.00 13.43
CA VAL B 104 18.52 -12.92 14.06
C VAL B 104 18.40 -13.65 15.40
N PHE B 105 19.12 -14.76 15.56
CA PHE B 105 19.09 -15.53 16.81
C PHE B 105 19.81 -14.77 17.91
N GLU B 106 20.95 -14.19 17.57
CA GLU B 106 21.68 -13.45 18.57
C GLU B 106 20.87 -12.23 18.96
N TRP B 107 20.18 -11.66 17.98
CA TRP B 107 19.37 -10.47 18.23
C TRP B 107 18.26 -10.75 19.25
N VAL B 108 17.42 -11.74 18.95
CA VAL B 108 16.33 -12.09 19.86
C VAL B 108 16.88 -12.42 21.24
N LEU B 109 17.95 -13.20 21.30
CA LEU B 109 18.57 -13.60 22.57
C LEU B 109 19.10 -12.43 23.38
N SER B 110 19.50 -11.36 22.70
CA SER B 110 20.03 -10.19 23.40
C SER B 110 18.92 -9.47 24.17
N PHE B 111 17.67 -9.84 23.89
CA PHE B 111 16.51 -9.25 24.58
C PHE B 111 16.09 -10.13 25.74
N LEU B 112 16.61 -11.36 25.79
CA LEU B 112 16.25 -12.31 26.83
C LEU B 112 17.34 -12.54 27.87
N ARG B 113 18.30 -11.63 27.94
CA ARG B 113 19.43 -11.74 28.88
C ARG B 113 19.03 -11.96 30.34
N GLU B 114 17.95 -11.34 30.78
CA GLU B 114 17.55 -11.51 32.17
C GLU B 114 16.61 -12.70 32.34
N ARG B 115 16.54 -13.57 31.35
CA ARG B 115 15.63 -14.71 31.46
C ARG B 115 16.38 -16.04 31.31
N GLU B 116 15.85 -17.08 31.95
CA GLU B 116 16.45 -18.41 31.87
C GLU B 116 16.02 -19.02 30.54
N VAL B 117 17.00 -19.22 29.66
CA VAL B 117 16.75 -19.75 28.31
C VAL B 117 17.51 -21.03 28.00
N ARG B 118 16.80 -21.99 27.44
CA ARG B 118 17.40 -23.27 27.10
C ARG B 118 17.22 -23.44 25.60
N VAL B 119 18.27 -23.85 24.89
CA VAL B 119 18.16 -23.99 23.44
C VAL B 119 18.01 -25.39 22.88
N ASP B 120 17.27 -25.46 21.76
CA ASP B 120 17.05 -26.71 21.07
C ASP B 120 17.27 -26.49 19.59
N ASN B 121 16.58 -27.26 18.76
CA ASN B 121 16.71 -27.12 17.32
C ASN B 121 15.95 -25.88 16.83
N GLY B 122 16.70 -24.79 16.62
CA GLY B 122 16.10 -23.55 16.17
C GLY B 122 15.01 -23.00 17.08
N ALA B 123 14.86 -23.60 18.26
CA ALA B 123 13.86 -23.16 19.22
C ALA B 123 14.48 -22.70 20.54
N ILE B 124 14.10 -21.50 20.95
CA ILE B 124 14.56 -20.93 22.20
C ILE B 124 13.44 -21.18 23.19
N VAL B 125 13.71 -21.93 24.24
CA VAL B 125 12.70 -22.23 25.23
C VAL B 125 12.89 -21.47 26.53
N THR B 126 11.88 -20.70 26.91
CA THR B 126 11.90 -19.93 28.14
C THR B 126 10.47 -19.79 28.69
N GLU B 127 10.31 -20.00 29.99
CA GLU B 127 9.01 -19.88 30.66
C GLU B 127 7.90 -20.66 29.96
N GLY B 128 8.21 -21.87 29.50
CA GLY B 128 7.22 -22.68 28.82
C GLY B 128 6.85 -22.17 27.44
N VAL B 129 7.61 -21.20 26.92
CA VAL B 129 7.31 -20.65 25.60
C VAL B 129 8.39 -20.93 24.56
N LYS B 130 8.01 -21.43 23.39
CA LYS B 130 9.01 -21.67 22.35
C LYS B 130 9.11 -20.45 21.45
N ILE B 131 10.31 -19.88 21.38
CA ILE B 131 10.59 -18.70 20.59
C ILE B 131 11.36 -19.12 19.35
N TYR B 132 10.82 -18.79 18.18
CA TYR B 132 11.46 -19.16 16.94
C TYR B 132 11.92 -17.99 16.10
N PRO B 133 13.20 -17.64 16.23
CA PRO B 133 13.68 -16.52 15.42
C PRO B 133 13.93 -17.06 14.03
N TYR B 134 13.84 -16.20 13.03
CA TYR B 134 14.04 -16.65 11.66
C TYR B 134 14.49 -15.55 10.71
N GLY B 135 15.52 -15.84 9.93
CA GLY B 135 16.05 -14.89 8.97
C GLY B 135 15.52 -15.11 7.57
N MET B 136 14.91 -14.09 6.99
CA MET B 136 14.35 -14.19 5.65
C MET B 136 15.38 -13.83 4.57
N GLY B 137 15.52 -14.71 3.59
CA GLY B 137 16.44 -14.45 2.51
C GLY B 137 17.70 -15.28 2.48
N ASN B 138 17.74 -16.40 3.20
CA ASN B 138 18.94 -17.23 3.16
C ASN B 138 18.89 -18.12 1.93
N LEU B 139 19.45 -17.62 0.83
CA LEU B 139 19.51 -18.35 -0.44
C LEU B 139 20.35 -17.55 -1.38
N THR B 140 20.70 -18.14 -2.52
CA THR B 140 21.49 -17.44 -3.50
C THR B 140 20.69 -17.30 -4.79
N LEU B 141 20.28 -16.08 -5.10
CA LEU B 141 19.51 -15.79 -6.30
C LEU B 141 20.55 -15.45 -7.34
N ASN B 142 20.86 -16.41 -8.20
CA ASN B 142 21.88 -16.19 -9.22
C ASN B 142 21.42 -15.43 -10.45
N GLU B 143 21.33 -14.12 -10.30
CA GLU B 143 20.93 -13.24 -11.39
C GLU B 143 22.04 -12.21 -11.62
N PRO B 144 22.63 -12.22 -12.81
CA PRO B 144 23.72 -11.30 -13.18
C PRO B 144 23.56 -9.82 -12.87
N PHE B 145 22.35 -9.29 -13.06
CA PHE B 145 22.13 -7.87 -12.81
C PHE B 145 21.39 -7.57 -11.52
N VAL B 146 21.38 -8.52 -10.59
CA VAL B 146 20.68 -8.31 -9.33
C VAL B 146 21.62 -8.47 -8.14
N LYS B 147 21.66 -7.45 -7.27
CA LYS B 147 22.49 -7.48 -6.09
C LYS B 147 22.01 -8.58 -5.15
N GLU B 148 22.95 -9.21 -4.47
CA GLU B 148 22.63 -10.30 -3.57
C GLU B 148 22.29 -9.77 -2.17
N LYS B 149 21.08 -9.23 -1.98
CA LYS B 149 20.66 -8.72 -0.67
C LYS B 149 19.71 -9.75 -0.04
N LYS B 150 20.13 -10.32 1.08
CA LYS B 150 19.33 -11.35 1.74
C LYS B 150 18.16 -10.75 2.49
N GLU B 151 16.98 -10.89 1.89
CA GLU B 151 15.77 -10.35 2.48
C GLU B 151 14.57 -10.99 1.81
N LEU B 152 13.39 -10.64 2.29
CA LEU B 152 12.14 -11.17 1.75
C LEU B 152 12.04 -11.08 0.22
N GLU B 153 12.44 -9.94 -0.34
CA GLU B 153 12.36 -9.73 -1.77
C GLU B 153 13.29 -10.64 -2.57
N LEU B 154 14.37 -11.10 -1.93
CA LEU B 154 15.28 -12.00 -2.61
C LEU B 154 14.56 -13.33 -2.79
N SER B 155 13.85 -13.77 -1.77
CA SER B 155 13.13 -15.05 -1.86
C SER B 155 12.05 -14.95 -2.93
N LEU B 156 11.26 -13.88 -2.87
CA LEU B 156 10.20 -13.69 -3.84
C LEU B 156 10.79 -13.63 -5.25
N ALA B 157 12.01 -13.11 -5.38
CA ALA B 157 12.68 -13.02 -6.68
C ALA B 157 13.03 -14.42 -7.17
N TYR B 158 13.43 -15.26 -6.24
CA TYR B 158 13.81 -16.63 -6.58
C TYR B 158 12.57 -17.37 -7.09
N LEU B 159 11.43 -17.11 -6.46
CA LEU B 159 10.18 -17.75 -6.86
C LEU B 159 9.84 -17.34 -8.30
N ALA B 160 10.09 -16.06 -8.62
CA ALA B 160 9.84 -15.55 -9.96
C ALA B 160 10.81 -16.21 -10.93
N LYS B 161 12.00 -16.51 -10.44
CA LYS B 161 13.02 -17.16 -11.24
C LYS B 161 12.55 -18.56 -11.61
N LEU B 162 12.12 -19.33 -10.61
CA LEU B 162 11.63 -20.69 -10.83
C LEU B 162 10.39 -20.70 -11.71
N ASP B 163 9.55 -19.67 -11.56
CA ASP B 163 8.31 -19.55 -12.33
C ASP B 163 8.64 -19.19 -13.78
N GLY B 164 9.92 -18.92 -14.04
CA GLY B 164 10.35 -18.59 -15.38
C GLY B 164 10.10 -17.15 -15.81
N ILE B 165 9.68 -16.31 -14.86
CA ILE B 165 9.40 -14.91 -15.17
C ILE B 165 10.67 -14.09 -15.37
N LEU B 166 11.73 -14.39 -14.63
CA LEU B 166 12.96 -13.62 -14.79
C LEU B 166 13.67 -13.93 -16.11
N GLU B 167 13.39 -15.10 -16.67
CA GLU B 167 13.99 -15.49 -17.94
C GLU B 167 13.19 -14.84 -19.06
N LYS B 168 11.88 -14.71 -18.85
CA LYS B 168 10.98 -14.07 -19.82
C LYS B 168 11.43 -12.63 -20.05
N TYR B 169 12.10 -12.06 -19.08
CA TYR B 169 12.59 -10.70 -19.20
C TYR B 169 14.10 -10.70 -19.43
N ARG B 170 14.88 -10.54 -18.37
CA ARG B 170 16.34 -10.54 -18.51
C ARG B 170 16.80 -9.35 -19.34
N GLY B 171 16.26 -9.22 -20.55
CA GLY B 171 16.62 -8.09 -21.38
C GLY B 171 16.24 -6.82 -20.64
N SER B 172 15.10 -6.87 -19.95
CA SER B 172 14.64 -5.72 -19.16
C SER B 172 15.57 -5.50 -17.97
N MET B 173 15.98 -6.57 -17.29
CA MET B 173 16.88 -6.45 -16.14
C MET B 173 18.19 -5.79 -16.58
N ARG B 174 18.71 -6.24 -17.72
CA ARG B 174 19.94 -5.69 -18.27
C ARG B 174 19.76 -4.21 -18.60
N ALA B 175 18.68 -3.89 -19.31
CA ALA B 175 18.38 -2.52 -19.70
C ALA B 175 18.17 -1.63 -18.47
N LEU B 176 17.40 -2.11 -17.49
CA LEU B 176 17.15 -1.31 -16.29
C LEU B 176 18.44 -1.05 -15.52
N SER B 177 19.28 -2.06 -15.43
CA SER B 177 20.55 -1.90 -14.71
C SER B 177 21.43 -0.88 -15.42
N GLN B 178 21.43 -0.94 -16.74
CA GLN B 178 22.24 -0.01 -17.54
C GLN B 178 21.80 1.43 -17.29
N ASP B 179 20.49 1.68 -17.37
CA ASP B 179 19.94 3.01 -17.14
C ASP B 179 20.09 3.45 -15.69
N LYS B 180 19.99 2.52 -14.76
CA LYS B 180 20.11 2.87 -13.36
C LYS B 180 21.58 3.16 -13.04
N GLY B 181 22.48 2.59 -13.83
CA GLY B 181 23.90 2.80 -13.63
C GLY B 181 24.43 1.97 -12.47
N ASP B 182 23.74 0.87 -12.20
CA ASP B 182 24.13 -0.01 -11.09
C ASP B 182 23.25 -1.25 -11.12
N LYS B 183 23.65 -2.28 -10.39
CA LYS B 183 22.87 -3.51 -10.34
C LYS B 183 21.53 -3.24 -9.68
N LEU B 184 20.53 -4.03 -10.06
CA LEU B 184 19.19 -3.90 -9.51
C LEU B 184 19.09 -4.52 -8.12
N THR B 185 18.23 -3.97 -7.29
CA THR B 185 18.04 -4.53 -5.95
C THR B 185 16.90 -5.52 -6.06
N PRO B 186 16.76 -6.42 -5.09
CA PRO B 186 15.66 -7.37 -5.17
C PRO B 186 14.33 -6.62 -5.15
N LYS B 187 14.32 -5.45 -4.52
CA LYS B 187 13.10 -4.64 -4.49
C LYS B 187 12.78 -4.12 -5.89
N ASP B 188 13.80 -3.76 -6.68
CA ASP B 188 13.56 -3.30 -8.05
C ASP B 188 12.92 -4.44 -8.85
N VAL B 189 13.38 -5.67 -8.63
CA VAL B 189 12.84 -6.82 -9.36
C VAL B 189 11.36 -7.00 -9.05
N MET B 190 11.00 -6.63 -7.83
CA MET B 190 9.62 -6.72 -7.40
C MET B 190 8.81 -5.78 -8.29
N HIS B 191 9.42 -4.69 -8.75
CA HIS B 191 8.68 -3.77 -9.60
C HIS B 191 8.58 -4.28 -11.04
N ILE B 192 9.51 -5.15 -11.42
CA ILE B 192 9.50 -5.75 -12.76
C ILE B 192 8.41 -6.81 -12.75
N LEU B 193 8.27 -7.50 -11.64
CA LEU B 193 7.26 -8.53 -11.51
C LEU B 193 5.87 -7.93 -11.68
N SER B 194 5.68 -6.71 -11.17
CA SER B 194 4.40 -6.00 -11.27
C SER B 194 4.01 -5.83 -12.73
N ILE B 195 4.98 -5.41 -13.54
CA ILE B 195 4.75 -5.21 -14.96
C ILE B 195 4.52 -6.55 -15.63
N ALA B 196 5.35 -7.54 -15.31
CA ALA B 196 5.21 -8.86 -15.91
C ALA B 196 3.84 -9.50 -15.66
N ASN B 197 3.25 -9.25 -14.50
CA ASN B 197 1.95 -9.84 -14.18
C ASN B 197 0.81 -8.84 -14.42
N ASP B 198 1.16 -7.70 -14.99
CA ASP B 198 0.19 -6.62 -15.28
C ASP B 198 -0.55 -6.22 -14.01
N TYR B 199 0.17 -6.14 -12.90
CA TYR B 199 -0.41 -5.77 -11.61
C TYR B 199 -0.83 -4.30 -11.60
N THR B 200 -2.09 -4.04 -11.28
CA THR B 200 -2.58 -2.66 -11.27
C THR B 200 -2.82 -2.11 -9.87
N GLY B 201 -2.44 -2.88 -8.85
CA GLY B 201 -2.64 -2.44 -7.49
C GLY B 201 -1.64 -1.40 -7.04
N ASP B 202 -1.94 -0.77 -5.90
CA ASP B 202 -1.09 0.26 -5.32
C ASP B 202 0.09 -0.31 -4.53
N CYS B 203 -0.13 -1.41 -3.80
CA CYS B 203 0.93 -1.96 -2.98
C CYS B 203 1.49 -3.32 -3.38
N LEU B 204 2.82 -3.46 -3.27
CA LEU B 204 3.50 -4.69 -3.60
C LEU B 204 2.98 -5.83 -2.70
N SER B 205 2.62 -5.47 -1.47
CA SER B 205 2.10 -6.48 -0.56
C SER B 205 0.87 -7.12 -1.18
N GLY B 206 0.09 -6.33 -1.92
CA GLY B 206 -1.11 -6.87 -2.55
C GLY B 206 -0.76 -7.85 -3.65
N LEU B 207 0.30 -7.51 -4.39
CA LEU B 207 0.81 -8.31 -5.49
C LEU B 207 1.25 -9.68 -5.01
N TYR B 208 1.87 -9.74 -3.83
CA TYR B 208 2.35 -11.01 -3.30
C TYR B 208 1.20 -11.96 -3.00
N GLU B 209 0.10 -11.40 -2.48
CA GLU B 209 -1.08 -12.21 -2.17
C GLU B 209 -1.70 -12.72 -3.45
N LYS B 210 -1.81 -11.83 -4.44
CA LYS B 210 -2.40 -12.19 -5.72
C LYS B 210 -1.57 -13.23 -6.44
N TYR B 211 -0.28 -12.95 -6.60
CA TYR B 211 0.66 -13.84 -7.28
C TYR B 211 0.76 -15.22 -6.65
N ILE B 212 1.04 -15.29 -5.36
CA ILE B 212 1.16 -16.57 -4.68
C ILE B 212 -0.22 -17.24 -4.61
N GLY B 213 -1.26 -16.44 -4.40
CA GLY B 213 -2.61 -16.99 -4.34
C GLY B 213 -2.98 -17.78 -5.58
N ILE B 214 -2.60 -17.29 -6.77
CA ILE B 214 -2.92 -17.98 -8.01
C ILE B 214 -2.03 -19.19 -8.26
N MET B 215 -0.78 -19.10 -7.83
CA MET B 215 0.14 -20.21 -8.05
C MET B 215 -0.28 -21.46 -7.27
N ILE B 216 -0.92 -21.26 -6.14
CA ILE B 216 -1.36 -22.36 -5.28
C ILE B 216 -2.34 -23.28 -6.01
N HIS B 217 -3.19 -22.72 -6.86
CA HIS B 217 -4.14 -23.54 -7.60
C HIS B 217 -3.77 -23.60 -9.08
N ARG B 218 -2.62 -23.02 -9.44
CA ARG B 218 -2.15 -23.02 -10.81
C ARG B 218 -1.02 -24.04 -10.93
N ASN B 219 -0.08 -23.97 -10.01
CA ASN B 219 1.07 -24.85 -9.99
C ASN B 219 1.50 -24.98 -8.53
N ARG B 220 0.67 -25.66 -7.76
CA ARG B 220 0.90 -25.87 -6.33
C ARG B 220 2.22 -26.58 -6.02
N GLU B 221 2.64 -27.51 -6.88
CA GLU B 221 3.88 -28.23 -6.63
C GLU B 221 5.11 -27.33 -6.75
N LEU B 222 5.01 -26.33 -7.62
CA LEU B 222 6.10 -25.38 -7.81
C LEU B 222 6.28 -24.56 -6.52
N LEU B 223 5.18 -24.05 -6.00
CA LEU B 223 5.20 -23.25 -4.79
C LEU B 223 5.83 -24.05 -3.65
N ILE B 224 5.42 -25.31 -3.53
CA ILE B 224 5.94 -26.20 -2.50
C ILE B 224 7.45 -26.37 -2.64
N ARG B 225 7.90 -26.49 -3.89
CA ARG B 225 9.33 -26.65 -4.17
C ARG B 225 10.09 -25.40 -3.74
N PHE B 226 9.51 -24.24 -4.03
CA PHE B 226 10.12 -22.97 -3.66
C PHE B 226 10.28 -22.89 -2.14
N LEU B 227 9.17 -23.09 -1.44
CA LEU B 227 9.14 -23.04 0.03
C LEU B 227 10.16 -23.98 0.66
N SER B 228 10.36 -25.12 0.00
CA SER B 228 11.30 -26.13 0.46
C SER B 228 12.76 -25.70 0.23
N GLU B 229 13.06 -25.27 -0.99
CA GLU B 229 14.43 -24.86 -1.33
C GLU B 229 14.92 -23.63 -0.57
N VAL B 230 14.01 -22.78 -0.13
CA VAL B 230 14.41 -21.59 0.62
C VAL B 230 14.34 -21.81 2.12
N ASN B 231 14.07 -23.04 2.54
CA ASN B 231 14.00 -23.36 3.95
C ASN B 231 12.88 -22.65 4.69
N LEU B 232 11.70 -22.63 4.09
CA LEU B 232 10.55 -21.96 4.67
C LEU B 232 9.51 -22.97 5.13
N LEU B 233 9.59 -24.20 4.61
CA LEU B 233 8.63 -25.24 5.00
C LEU B 233 8.66 -25.58 6.48
N PRO B 234 9.84 -25.89 7.02
CA PRO B 234 9.88 -26.22 8.45
C PRO B 234 9.32 -25.10 9.32
N LEU B 235 9.64 -23.86 8.98
CA LEU B 235 9.13 -22.72 9.74
C LEU B 235 7.60 -22.71 9.67
N LEU B 236 7.06 -22.84 8.46
CA LEU B 236 5.61 -22.83 8.27
C LEU B 236 4.96 -24.00 8.98
N GLU B 237 5.63 -25.15 8.93
CA GLU B 237 5.15 -26.39 9.55
C GLU B 237 4.97 -26.17 11.05
N ARG B 238 5.91 -25.45 11.65
CA ARG B 238 5.85 -25.14 13.08
C ARG B 238 4.75 -24.15 13.41
N MET B 239 4.60 -23.11 12.60
CA MET B 239 3.57 -22.11 12.84
C MET B 239 2.20 -22.79 12.93
N VAL B 240 1.89 -23.66 11.97
CA VAL B 240 0.59 -24.36 11.97
C VAL B 240 0.58 -25.68 12.75
N GLY B 241 1.72 -26.03 13.33
CA GLY B 241 1.79 -27.27 14.08
C GLY B 241 1.16 -27.23 15.46
#